data_5DA0
#
_entry.id   5DA0
#
_cell.length_a   127.650
_cell.length_b   117.280
_cell.length_c   84.360
_cell.angle_alpha   90.00
_cell.angle_beta   100.09
_cell.angle_gamma   90.00
#
_symmetry.space_group_name_H-M   'C 1 2 1'
#
loop_
_entity.id
_entity.type
_entity.pdbx_description
1 polymer 'Sulphate transporter'
2 polymer Nanobody
3 non-polymer DECYL-BETA-D-MALTOPYRANOSIDE
#
loop_
_entity_poly.entity_id
_entity_poly.type
_entity_poly.pdbx_seq_one_letter_code
_entity_poly.pdbx_strand_id
1 'polypeptide(L)'
;MTVHSPRFDLRQYQREWFANPRKDVLAGIVVALALIPEAIAFSIIAGVDPQVGLYASFIIALITAFLGGRPGMISAATGA
MALLMTGLVKDHGIQYLFAATVLTGVLQVVFGWAKLARYLKFVPRSVMVGFVNALAILIFMAQLPQFVGANWQMYAMVAA
GLAIIYLLPLVFKAMPSALVAIVVLTVVAVVTGADVKTVGDMGTLPTALPHFQFPQVPLTFETLAIIFPVALTLSLVGLL
ESLLTAQLIDERTDTTSDKNVESRGQGVANIVTGFFGGMAGCAMIGQSMINVTSGGRGRLSTFVAGAFLMVLILALQPLL
VQIPMAALVAVMMVVAISTFDWGSLRTLTVFPKGETVVMLATVAVTVFTHDLSLGVLIGVVLSALFFARKVSQLSQVTPV
DEVDGTRTYRVRGQLFFVSTHDFLHQFDFTHPARRVVIDLSDAHFWDGSAVGALDKVMLKFMRQGTSVELRGLNAASATL
VERLAVHDKPDALDRMGGHSLGVLP
;
A
2 'polypeptide(L)'
;GPSQVQLQESGGGLVQAGGSLRLSCAASGRTFSSDVMGWFRQAPGKEREFVAAVTRSGGKSYNADSVKGRFTISRDNAKN
TVSLQMNSLKPEDTAVYYCAAGDTAITSWYGYDYWGQGTQVTVS
;
B
#
# COMPACT_ATOMS: atom_id res chain seq x y z
N GLN A 14 1.42 44.43 -2.40
CA GLN A 14 2.36 43.45 -1.86
C GLN A 14 1.70 42.63 -0.75
N ARG A 15 0.86 43.28 0.05
CA ARG A 15 0.14 42.66 1.15
C ARG A 15 1.03 41.80 2.04
N GLU A 16 1.89 42.45 2.82
CA GLU A 16 2.74 41.75 3.77
C GLU A 16 2.71 42.49 5.11
N TRP A 17 2.48 41.73 6.18
CA TRP A 17 2.13 42.32 7.46
C TRP A 17 3.01 41.88 8.63
N PHE A 18 2.77 42.48 9.79
CA PHE A 18 3.43 42.10 11.03
C PHE A 18 2.45 42.16 12.19
N ALA A 19 1.17 41.91 11.89
CA ALA A 19 0.10 42.03 12.88
C ALA A 19 0.19 40.97 13.98
N ASN A 20 -0.23 41.35 15.18
CA ASN A 20 -0.24 40.47 16.35
C ASN A 20 1.09 39.76 16.62
N PRO A 21 2.15 40.51 16.93
CA PRO A 21 3.43 39.88 17.24
C PRO A 21 3.41 39.16 18.58
N ARG A 22 2.73 39.77 19.56
CA ARG A 22 2.62 39.24 20.91
C ARG A 22 2.12 37.81 20.94
N LYS A 23 1.11 37.50 20.13
CA LYS A 23 0.55 36.16 20.10
C LYS A 23 1.27 35.23 19.12
N ASP A 24 1.73 35.79 18.01
CA ASP A 24 2.44 35.00 17.00
C ASP A 24 3.75 34.42 17.55
N VAL A 25 4.54 35.27 18.21
CA VAL A 25 5.80 34.84 18.80
C VAL A 25 5.57 33.74 19.83
N LEU A 26 4.62 33.97 20.73
CA LEU A 26 4.30 33.00 21.78
C LEU A 26 3.86 31.66 21.20
N ALA A 27 2.94 31.71 20.24
CA ALA A 27 2.46 30.52 19.56
C ALA A 27 3.62 29.75 18.92
N GLY A 28 4.48 30.48 18.22
CA GLY A 28 5.66 29.91 17.61
C GLY A 28 6.54 29.20 18.62
N ILE A 29 6.69 29.82 19.79
CA ILE A 29 7.44 29.21 20.88
C ILE A 29 6.82 27.88 21.30
N VAL A 30 5.51 27.90 21.55
CA VAL A 30 4.80 26.69 21.96
C VAL A 30 4.97 25.56 20.94
N VAL A 31 4.68 25.84 19.68
CA VAL A 31 4.76 24.82 18.65
C VAL A 31 6.21 24.41 18.38
N ALA A 32 7.16 25.25 18.78
CA ALA A 32 8.58 24.89 18.68
C ALA A 32 8.92 23.84 19.74
N LEU A 33 8.50 24.11 20.98
CA LEU A 33 8.66 23.15 22.06
C LEU A 33 7.98 21.84 21.70
N ALA A 34 6.87 21.92 20.97
CA ALA A 34 6.20 20.72 20.49
C ALA A 34 6.94 20.13 19.29
N LEU A 35 7.81 20.93 18.68
CA LEU A 35 8.46 20.53 17.42
C LEU A 35 9.75 19.75 17.63
N ILE A 36 10.52 20.11 18.66
CA ILE A 36 11.79 19.42 18.94
C ILE A 36 11.70 17.88 18.96
N PRO A 37 10.83 17.31 19.83
CA PRO A 37 10.84 15.85 19.96
C PRO A 37 10.37 15.17 18.70
N GLU A 38 9.48 15.82 17.96
CA GLU A 38 9.00 15.30 16.69
C GLU A 38 10.14 15.08 15.72
N ALA A 39 10.94 16.12 15.52
CA ALA A 39 12.04 16.06 14.57
C ALA A 39 13.10 15.06 15.02
N ILE A 40 13.45 15.10 16.30
CA ILE A 40 14.43 14.15 16.82
C ILE A 40 13.97 12.70 16.59
N ALA A 41 12.77 12.40 17.07
CA ALA A 41 12.20 11.06 16.96
C ALA A 41 12.12 10.61 15.50
N PHE A 42 11.50 11.42 14.65
CA PHE A 42 11.39 11.09 13.23
C PHE A 42 12.74 10.86 12.57
N SER A 43 13.76 11.59 13.05
CA SER A 43 15.11 11.36 12.58
C SER A 43 15.58 9.95 12.96
N ILE A 44 15.34 9.58 14.22
CA ILE A 44 15.74 8.24 14.67
C ILE A 44 14.98 7.13 13.92
N ILE A 45 13.69 7.37 13.68
CA ILE A 45 12.84 6.41 12.98
C ILE A 45 13.33 6.18 11.55
N ALA A 46 13.82 7.24 10.91
CA ALA A 46 14.31 7.15 9.55
C ALA A 46 15.80 6.79 9.52
N GLY A 47 16.31 6.25 10.62
CA GLY A 47 17.68 5.80 10.71
C GLY A 47 18.71 6.87 10.37
N VAL A 48 18.62 8.01 11.05
CA VAL A 48 19.51 9.13 10.79
C VAL A 48 19.67 9.97 12.07
N ASP A 49 20.66 10.85 12.09
CA ASP A 49 20.90 11.71 13.24
C ASP A 49 19.80 12.75 13.40
N PRO A 50 19.36 12.98 14.65
CA PRO A 50 18.44 14.05 15.06
C PRO A 50 18.77 15.40 14.40
N GLN A 51 20.06 15.65 14.22
CA GLN A 51 20.55 16.87 13.58
C GLN A 51 19.85 17.18 12.26
N VAL A 52 19.67 16.13 11.45
CA VAL A 52 19.04 16.28 10.14
C VAL A 52 17.59 16.75 10.28
N GLY A 53 16.86 16.15 11.21
CA GLY A 53 15.48 16.51 11.44
C GLY A 53 15.32 17.91 12.01
N LEU A 54 16.14 18.26 12.98
CA LEU A 54 16.07 19.57 13.60
C LEU A 54 16.44 20.66 12.58
N TYR A 55 17.52 20.44 11.84
CA TYR A 55 17.91 21.32 10.75
C TYR A 55 16.76 21.51 9.78
N ALA A 56 16.17 20.38 9.35
CA ALA A 56 15.05 20.39 8.42
C ALA A 56 13.93 21.28 8.94
N SER A 57 13.46 20.99 10.15
CA SER A 57 12.40 21.79 10.77
C SER A 57 12.73 23.28 10.74
N PHE A 58 13.93 23.62 11.20
CA PHE A 58 14.38 25.01 11.21
C PHE A 58 14.29 25.69 9.84
N ILE A 59 15.07 25.19 8.89
CA ILE A 59 15.19 25.86 7.59
C ILE A 59 13.87 25.85 6.82
N ILE A 60 13.12 24.75 6.92
CA ILE A 60 11.82 24.68 6.27
C ILE A 60 10.88 25.72 6.86
N ALA A 61 10.83 25.79 8.19
CA ALA A 61 9.99 26.78 8.86
C ALA A 61 10.34 28.19 8.40
N LEU A 62 11.64 28.47 8.30
CA LEU A 62 12.12 29.76 7.80
C LEU A 62 11.61 30.07 6.40
N ILE A 63 12.02 29.24 5.44
CA ILE A 63 11.71 29.49 4.03
C ILE A 63 10.20 29.52 3.78
N THR A 64 9.44 28.68 4.48
CA THR A 64 8.00 28.70 4.34
C THR A 64 7.42 29.95 4.97
N ALA A 65 8.06 30.44 6.02
CA ALA A 65 7.64 31.68 6.66
C ALA A 65 7.76 32.82 5.65
N PHE A 66 8.79 32.76 4.81
CA PHE A 66 8.97 33.84 3.83
C PHE A 66 8.24 33.65 2.49
N LEU A 67 8.06 32.42 2.05
CA LEU A 67 7.55 32.14 0.70
C LEU A 67 6.29 31.27 0.70
N GLY A 68 5.79 30.93 1.88
CA GLY A 68 4.61 30.09 1.99
C GLY A 68 3.34 30.82 1.59
N GLY A 69 2.32 30.05 1.22
CA GLY A 69 1.06 30.63 0.79
C GLY A 69 0.11 30.91 1.93
N ARG A 70 0.03 29.99 2.88
CA ARG A 70 -0.89 30.13 4.01
C ARG A 70 -0.15 30.42 5.30
N PRO A 71 -0.27 31.67 5.79
CA PRO A 71 0.37 32.13 7.02
C PRO A 71 -0.21 31.44 8.27
N GLY A 72 0.66 31.06 9.19
CA GLY A 72 0.23 30.40 10.42
C GLY A 72 0.26 28.90 10.31
N MET A 73 0.76 28.41 9.18
CA MET A 73 0.88 26.97 8.96
C MET A 73 2.30 26.49 9.15
N ILE A 74 2.51 25.60 10.11
CA ILE A 74 3.84 25.08 10.39
C ILE A 74 4.23 23.97 9.43
N SER A 75 5.33 24.18 8.73
CA SER A 75 5.94 23.13 7.92
C SER A 75 7.31 22.80 8.51
N ALA A 76 7.48 21.56 8.95
CA ALA A 76 8.72 21.16 9.60
C ALA A 76 9.18 19.78 9.15
N ALA A 77 9.09 18.80 10.04
CA ALA A 77 9.48 17.44 9.73
C ALA A 77 8.46 16.44 10.29
N THR A 78 7.79 15.72 9.40
CA THR A 78 6.76 14.77 9.79
C THR A 78 7.12 13.34 9.39
N GLY A 79 6.44 12.38 10.00
CA GLY A 79 6.63 10.98 9.67
C GLY A 79 6.23 10.70 8.23
N ALA A 80 5.24 11.46 7.75
CA ALA A 80 4.74 11.33 6.38
C ALA A 80 5.86 11.45 5.36
N MET A 81 6.94 12.14 5.73
CA MET A 81 8.12 12.24 4.89
C MET A 81 9.16 11.20 5.28
N ALA A 82 9.39 11.06 6.59
CA ALA A 82 10.45 10.21 7.11
C ALA A 82 10.32 8.75 6.70
N LEU A 83 9.12 8.19 6.84
CA LEU A 83 8.89 6.79 6.55
C LEU A 83 8.99 6.47 5.05
N LEU A 84 9.21 7.49 4.23
CA LEU A 84 9.43 7.30 2.80
C LEU A 84 10.91 7.34 2.47
N MET A 85 11.71 7.84 3.42
CA MET A 85 13.16 7.94 3.24
C MET A 85 13.89 6.85 4.00
N THR A 86 13.21 6.26 4.98
CA THR A 86 13.78 5.21 5.82
C THR A 86 14.34 4.03 5.02
N GLY A 87 13.83 3.84 3.81
CA GLY A 87 14.31 2.77 2.95
C GLY A 87 15.47 3.24 2.09
N LEU A 88 15.49 4.53 1.79
CA LEU A 88 16.55 5.11 0.98
C LEU A 88 17.85 5.24 1.78
N VAL A 89 17.72 5.43 3.09
CA VAL A 89 18.90 5.65 3.92
C VAL A 89 19.66 4.37 4.27
N LYS A 90 18.97 3.24 4.28
CA LYS A 90 19.62 1.98 4.64
C LYS A 90 20.09 1.22 3.41
N ASP A 91 19.78 1.75 2.24
CA ASP A 91 20.17 1.12 0.98
C ASP A 91 21.20 1.95 0.22
N HIS A 92 21.21 3.26 0.47
CA HIS A 92 22.11 4.15 -0.24
C HIS A 92 22.77 5.17 0.69
N GLY A 93 22.11 5.47 1.81
CA GLY A 93 22.68 6.37 2.79
C GLY A 93 21.80 7.56 3.13
N ILE A 94 22.20 8.29 4.16
CA ILE A 94 21.45 9.46 4.63
C ILE A 94 21.65 10.67 3.72
N GLN A 95 22.38 10.46 2.63
CA GLN A 95 22.81 11.56 1.77
C GLN A 95 22.17 11.48 0.39
N TYR A 96 21.89 10.26 -0.08
CA TYR A 96 21.01 10.09 -1.22
C TYR A 96 19.66 10.70 -0.84
N LEU A 97 19.41 10.71 0.46
CA LEU A 97 18.30 11.45 1.05
C LEU A 97 18.38 12.93 0.69
N PHE A 98 19.55 13.53 0.86
CA PHE A 98 19.75 14.95 0.57
C PHE A 98 19.41 15.25 -0.90
N ALA A 99 19.98 14.45 -1.79
CA ALA A 99 19.69 14.54 -3.22
C ALA A 99 18.19 14.44 -3.47
N ALA A 100 17.55 13.47 -2.82
CA ALA A 100 16.13 13.23 -2.99
C ALA A 100 15.28 14.39 -2.49
N THR A 101 15.77 15.10 -1.47
CA THR A 101 15.04 16.24 -0.92
C THR A 101 15.18 17.44 -1.85
N VAL A 102 16.39 17.64 -2.38
CA VAL A 102 16.61 18.68 -3.38
C VAL A 102 15.70 18.46 -4.58
N LEU A 103 15.77 17.26 -5.16
CA LEU A 103 14.94 16.92 -6.31
C LEU A 103 13.45 17.01 -5.97
N THR A 104 13.10 16.67 -4.73
CA THR A 104 11.72 16.77 -4.27
C THR A 104 11.24 18.21 -4.36
N GLY A 105 12.03 19.11 -3.79
CA GLY A 105 11.72 20.53 -3.85
C GLY A 105 11.61 21.03 -5.29
N VAL A 106 12.50 20.52 -6.15
CA VAL A 106 12.45 20.85 -7.56
C VAL A 106 11.12 20.41 -8.19
N LEU A 107 10.69 19.20 -7.87
CA LEU A 107 9.43 18.69 -8.38
C LEU A 107 8.25 19.48 -7.85
N GLN A 108 8.38 20.01 -6.63
CA GLN A 108 7.32 20.79 -6.03
C GLN A 108 7.21 22.18 -6.66
N VAL A 109 8.34 22.83 -6.92
CA VAL A 109 8.28 24.14 -7.58
C VAL A 109 7.89 23.96 -9.05
N VAL A 110 8.16 22.79 -9.61
CA VAL A 110 7.68 22.46 -10.95
C VAL A 110 6.16 22.32 -10.92
N PHE A 111 5.67 21.65 -9.89
CA PHE A 111 4.24 21.43 -9.73
C PHE A 111 3.50 22.75 -9.51
N GLY A 112 4.14 23.68 -8.81
CA GLY A 112 3.55 24.98 -8.55
C GLY A 112 3.63 25.90 -9.74
N TRP A 113 4.71 25.78 -10.51
CA TRP A 113 4.89 26.61 -11.70
C TRP A 113 3.90 26.23 -12.80
N ALA A 114 3.55 24.95 -12.85
CA ALA A 114 2.62 24.46 -13.87
C ALA A 114 1.16 24.63 -13.43
N LYS A 115 0.97 25.06 -12.18
CA LYS A 115 -0.36 25.30 -11.62
C LYS A 115 -1.23 24.05 -11.69
N LEU A 116 -0.92 23.06 -10.88
CA LEU A 116 -1.59 21.76 -10.95
C LEU A 116 -2.17 21.30 -9.62
N ALA A 117 -2.27 22.22 -8.65
CA ALA A 117 -2.76 21.89 -7.32
C ALA A 117 -4.22 21.41 -7.36
N ARG A 118 -5.01 21.99 -8.25
CA ARG A 118 -6.43 21.68 -8.36
C ARG A 118 -6.67 20.20 -8.67
N TYR A 119 -5.64 19.53 -9.20
CA TYR A 119 -5.75 18.13 -9.57
C TYR A 119 -5.63 17.20 -8.36
N LEU A 120 -5.17 17.75 -7.24
CA LEU A 120 -5.01 16.96 -6.01
C LEU A 120 -6.33 16.39 -5.51
N LYS A 121 -7.43 16.96 -5.98
CA LYS A 121 -8.76 16.47 -5.61
C LYS A 121 -9.01 15.09 -6.23
N PHE A 122 -8.37 14.81 -7.35
CA PHE A 122 -8.56 13.55 -8.06
C PHE A 122 -7.99 12.35 -7.29
N VAL A 123 -7.08 12.63 -6.36
CA VAL A 123 -6.48 11.59 -5.53
C VAL A 123 -7.54 10.92 -4.65
N PRO A 124 -7.74 9.61 -4.84
CA PRO A 124 -8.75 8.82 -4.12
C PRO A 124 -8.62 8.92 -2.60
N ARG A 125 -9.74 9.01 -1.92
CA ARG A 125 -9.76 9.10 -0.46
C ARG A 125 -9.26 7.81 0.17
N SER A 126 -9.51 6.68 -0.49
CA SER A 126 -9.08 5.38 -0.01
C SER A 126 -7.55 5.31 0.08
N VAL A 127 -6.89 5.80 -0.95
CA VAL A 127 -5.43 5.86 -0.97
C VAL A 127 -4.89 6.69 0.18
N MET A 128 -5.53 7.82 0.44
CA MET A 128 -5.09 8.75 1.48
C MET A 128 -5.29 8.17 2.88
N VAL A 129 -6.49 7.67 3.16
CA VAL A 129 -6.77 7.11 4.47
C VAL A 129 -5.91 5.87 4.72
N GLY A 130 -5.66 5.10 3.65
CA GLY A 130 -4.78 3.96 3.72
C GLY A 130 -3.37 4.40 4.08
N PHE A 131 -2.93 5.48 3.45
CA PHE A 131 -1.61 6.06 3.72
C PHE A 131 -1.50 6.48 5.18
N VAL A 132 -2.55 7.09 5.70
CA VAL A 132 -2.57 7.53 7.10
C VAL A 132 -2.47 6.34 8.07
N ASN A 133 -3.34 5.36 7.87
CA ASN A 133 -3.32 4.15 8.69
C ASN A 133 -1.95 3.48 8.69
N ALA A 134 -1.48 3.14 7.50
CA ALA A 134 -0.18 2.51 7.31
C ALA A 134 0.92 3.31 8.01
N LEU A 135 0.87 4.63 7.83
CA LEU A 135 1.81 5.54 8.47
C LEU A 135 1.83 5.33 9.98
N ALA A 136 0.66 5.45 10.59
CA ALA A 136 0.55 5.38 12.04
C ALA A 136 1.02 4.04 12.60
N ILE A 137 0.52 2.95 12.03
CA ILE A 137 0.91 1.63 12.53
C ILE A 137 2.40 1.35 12.26
N LEU A 138 2.95 2.01 11.25
CA LEU A 138 4.38 1.90 10.98
C LEU A 138 5.18 2.68 12.02
N ILE A 139 4.61 3.80 12.49
CA ILE A 139 5.20 4.53 13.60
C ILE A 139 5.25 3.64 14.82
N PHE A 140 4.10 3.05 15.14
CA PHE A 140 3.98 2.17 16.30
C PHE A 140 4.93 0.98 16.22
N MET A 141 5.11 0.46 15.00
CA MET A 141 6.04 -0.64 14.79
C MET A 141 7.50 -0.18 14.92
N ALA A 142 7.74 1.08 14.58
CA ALA A 142 9.08 1.65 14.67
C ALA A 142 9.49 1.84 16.12
N GLN A 143 8.51 1.85 17.01
CA GLN A 143 8.77 2.01 18.44
C GLN A 143 9.14 0.67 19.08
N LEU A 144 8.91 -0.40 18.33
CA LEU A 144 9.16 -1.76 18.82
C LEU A 144 10.64 -2.13 19.00
N PRO A 145 11.53 -1.73 18.06
CA PRO A 145 12.95 -2.09 18.26
C PRO A 145 13.60 -1.48 19.51
N GLN A 146 12.85 -0.68 20.26
CA GLN A 146 13.35 -0.13 21.51
C GLN A 146 12.97 -1.04 22.68
N PHE A 147 12.26 -2.13 22.37
CA PHE A 147 11.81 -3.06 23.39
C PHE A 147 12.49 -4.43 23.28
N VAL A 148 13.18 -4.67 22.17
CA VAL A 148 13.86 -5.95 21.98
C VAL A 148 15.00 -6.12 22.99
N GLY A 149 15.71 -5.02 23.26
CA GLY A 149 16.66 -4.97 24.34
C GLY A 149 15.99 -4.25 25.48
N ALA A 150 15.45 -5.02 26.43
CA ALA A 150 14.51 -4.46 27.40
C ALA A 150 14.98 -4.50 28.84
N ASN A 151 15.15 -3.31 29.42
CA ASN A 151 15.29 -3.16 30.86
C ASN A 151 13.96 -2.64 31.40
N TRP A 152 13.58 -3.06 32.60
CA TRP A 152 12.26 -2.71 33.12
C TRP A 152 12.08 -1.21 33.36
N GLN A 153 13.18 -0.47 33.33
CA GLN A 153 13.10 0.99 33.38
C GLN A 153 12.44 1.53 32.12
N MET A 154 12.72 0.88 30.99
CA MET A 154 12.09 1.23 29.72
C MET A 154 10.57 1.10 29.82
N TYR A 155 10.12 -0.08 30.23
CA TYR A 155 8.70 -0.36 30.41
C TYR A 155 8.03 0.58 31.41
N ALA A 156 8.67 0.74 32.56
CA ALA A 156 8.12 1.57 33.63
C ALA A 156 8.00 3.03 33.21
N MET A 157 9.02 3.54 32.52
CA MET A 157 9.03 4.95 32.13
C MET A 157 8.14 5.23 30.91
N VAL A 158 7.97 4.24 30.03
CA VAL A 158 7.07 4.44 28.90
C VAL A 158 5.62 4.32 29.37
N ALA A 159 5.37 3.43 30.33
CA ALA A 159 4.03 3.28 30.88
C ALA A 159 3.65 4.51 31.69
N ALA A 160 4.59 4.98 32.51
CA ALA A 160 4.38 6.20 33.28
C ALA A 160 4.30 7.41 32.36
N GLY A 161 4.92 7.29 31.18
CA GLY A 161 4.86 8.33 30.17
C GLY A 161 3.46 8.45 29.60
N LEU A 162 2.92 7.31 29.15
CA LEU A 162 1.55 7.27 28.66
C LEU A 162 0.59 7.75 29.74
N ALA A 163 0.83 7.30 30.97
CA ALA A 163 0.01 7.66 32.12
C ALA A 163 -0.02 9.16 32.35
N ILE A 164 1.15 9.79 32.39
CA ILE A 164 1.23 11.22 32.66
C ILE A 164 0.75 12.04 31.47
N ILE A 165 0.84 11.47 30.27
CA ILE A 165 0.38 12.18 29.08
C ILE A 165 -1.16 12.14 29.01
N TYR A 166 -1.76 11.07 29.50
CA TYR A 166 -3.21 10.91 29.39
C TYR A 166 -4.01 11.32 30.63
N LEU A 167 -3.34 11.41 31.78
CA LEU A 167 -4.05 11.64 33.05
C LEU A 167 -3.84 13.04 33.60
N LEU A 168 -2.68 13.63 33.30
CA LEU A 168 -2.36 14.98 33.77
C LEU A 168 -3.17 16.11 33.11
N PRO A 169 -3.38 16.07 31.76
CA PRO A 169 -4.04 17.21 31.14
C PRO A 169 -5.48 17.45 31.58
N LEU A 170 -6.11 16.48 32.24
CA LEU A 170 -7.46 16.68 32.74
C LEU A 170 -7.42 17.52 34.02
N VAL A 171 -6.20 17.77 34.50
CA VAL A 171 -6.00 18.58 35.70
C VAL A 171 -5.29 19.89 35.37
N PHE A 172 -4.50 19.87 34.29
CA PHE A 172 -3.70 21.04 33.92
C PHE A 172 -4.33 21.87 32.80
N LYS A 173 -3.59 22.86 32.32
CA LYS A 173 -4.14 23.88 31.44
C LYS A 173 -3.57 23.85 30.02
N ALA A 174 -3.27 25.04 29.50
CA ALA A 174 -2.84 25.19 28.11
C ALA A 174 -1.35 24.93 27.92
N MET A 175 -0.82 23.95 28.64
CA MET A 175 0.56 23.53 28.48
C MET A 175 0.64 22.03 28.30
N PRO A 176 1.42 21.57 27.31
CA PRO A 176 1.49 20.16 26.89
C PRO A 176 1.82 19.19 28.02
N SER A 177 1.09 18.08 28.07
CA SER A 177 1.38 17.02 29.03
C SER A 177 2.61 16.25 28.58
N ALA A 178 2.91 16.35 27.29
CA ALA A 178 4.11 15.74 26.73
C ALA A 178 5.36 16.49 27.20
N LEU A 179 5.22 17.81 27.36
CA LEU A 179 6.28 18.64 27.88
C LEU A 179 6.65 18.18 29.30
N VAL A 180 5.64 18.07 30.14
CA VAL A 180 5.82 17.60 31.51
C VAL A 180 6.36 16.17 31.52
N ALA A 181 5.88 15.35 30.59
CA ALA A 181 6.36 13.97 30.49
C ALA A 181 7.85 13.92 30.23
N ILE A 182 8.29 14.63 29.19
CA ILE A 182 9.70 14.69 28.81
C ILE A 182 10.56 15.25 29.93
N VAL A 183 10.18 16.41 30.46
CA VAL A 183 10.95 17.06 31.51
C VAL A 183 11.07 16.18 32.75
N VAL A 184 9.94 15.67 33.23
CA VAL A 184 9.92 14.81 34.43
C VAL A 184 10.75 13.55 34.23
N LEU A 185 10.53 12.85 33.12
CA LEU A 185 11.26 11.60 32.87
C LEU A 185 12.75 11.86 32.70
N THR A 186 13.10 13.01 32.14
CA THR A 186 14.50 13.40 32.00
C THR A 186 15.14 13.63 33.37
N VAL A 187 14.50 14.47 34.18
CA VAL A 187 14.97 14.75 35.53
C VAL A 187 15.13 13.48 36.34
N VAL A 188 14.12 12.61 36.28
CA VAL A 188 14.16 11.32 36.97
C VAL A 188 15.33 10.48 36.51
N ALA A 189 15.42 10.24 35.20
CA ALA A 189 16.47 9.40 34.63
C ALA A 189 17.87 9.92 34.97
N VAL A 190 18.02 11.25 35.01
CA VAL A 190 19.30 11.85 35.36
C VAL A 190 19.62 11.67 36.84
N VAL A 191 18.66 12.04 37.69
CA VAL A 191 18.85 11.99 39.14
C VAL A 191 18.98 10.56 39.65
N THR A 192 18.04 9.69 39.28
CA THR A 192 18.06 8.31 39.75
C THR A 192 19.16 7.50 39.07
N GLY A 193 19.70 8.05 37.99
CA GLY A 193 20.74 7.38 37.23
C GLY A 193 20.25 6.07 36.63
N ALA A 194 19.08 6.12 36.00
CA ALA A 194 18.47 4.94 35.40
C ALA A 194 19.31 4.41 34.24
N ASP A 195 19.31 3.10 34.07
CA ASP A 195 20.08 2.46 33.02
C ASP A 195 19.25 2.26 31.76
N VAL A 196 19.15 3.31 30.95
CA VAL A 196 18.38 3.26 29.71
C VAL A 196 19.06 4.02 28.58
N LYS A 197 18.77 3.61 27.35
CA LYS A 197 19.28 4.30 26.16
C LYS A 197 18.81 5.75 26.13
N THR A 198 19.74 6.65 25.81
CA THR A 198 19.39 8.06 25.68
C THR A 198 19.47 8.48 24.21
N VAL A 199 18.86 9.62 23.90
CA VAL A 199 18.78 10.11 22.52
C VAL A 199 20.16 10.37 21.92
N GLY A 200 21.09 10.85 22.73
CA GLY A 200 22.43 11.17 22.28
C GLY A 200 23.18 9.99 21.70
N ASP A 201 22.67 8.78 21.95
CA ASP A 201 23.29 7.56 21.45
C ASP A 201 22.85 7.26 20.01
N MET A 202 21.60 7.59 19.70
CA MET A 202 21.01 7.26 18.41
C MET A 202 21.54 8.12 17.27
N GLY A 203 22.08 9.29 17.62
CA GLY A 203 22.61 10.20 16.63
C GLY A 203 23.10 11.49 17.23
N THR A 204 23.96 12.20 16.48
CA THR A 204 24.50 13.47 16.94
C THR A 204 23.46 14.58 16.86
N LEU A 205 23.46 15.45 17.87
CA LEU A 205 22.54 16.58 17.91
C LEU A 205 23.28 17.86 17.50
N PRO A 206 22.55 18.81 16.89
CA PRO A 206 23.11 20.07 16.39
C PRO A 206 23.91 20.85 17.44
N THR A 207 25.07 21.35 17.04
CA THR A 207 25.92 22.14 17.92
C THR A 207 26.27 23.47 17.27
N ALA A 208 25.82 23.64 16.01
CA ALA A 208 26.09 24.87 15.28
C ALA A 208 25.02 25.11 14.21
N LEU A 209 25.19 26.19 13.46
CA LEU A 209 24.26 26.53 12.38
C LEU A 209 24.50 25.63 11.16
N PRO A 210 23.40 25.25 10.48
CA PRO A 210 23.48 24.45 9.25
C PRO A 210 24.32 25.13 8.17
N HIS A 211 25.41 24.47 7.76
CA HIS A 211 26.27 25.01 6.72
C HIS A 211 25.86 24.48 5.35
N PHE A 212 26.20 25.23 4.31
CA PHE A 212 25.85 24.84 2.94
C PHE A 212 26.54 23.55 2.55
N GLN A 213 25.79 22.45 2.60
CA GLN A 213 26.31 21.15 2.21
C GLN A 213 25.76 20.73 0.85
N PHE A 214 26.52 21.02 -0.20
CA PHE A 214 26.19 20.48 -1.52
C PHE A 214 26.18 18.97 -1.37
N PRO A 215 25.09 18.31 -1.84
CA PRO A 215 25.06 16.85 -1.84
C PRO A 215 26.27 16.29 -2.58
N GLN A 216 27.38 16.15 -1.86
CA GLN A 216 28.65 15.70 -2.43
C GLN A 216 28.62 14.20 -2.67
N VAL A 217 27.56 13.57 -2.20
CA VAL A 217 27.47 12.12 -2.14
C VAL A 217 26.75 11.47 -3.34
N PRO A 218 25.72 12.13 -3.90
CA PRO A 218 25.14 11.57 -5.13
C PRO A 218 25.91 11.93 -6.41
N LEU A 219 25.75 11.11 -7.44
CA LEU A 219 26.42 11.35 -8.73
C LEU A 219 25.49 11.29 -9.93
N THR A 220 25.00 12.45 -10.35
CA THR A 220 24.29 12.62 -11.63
C THR A 220 23.21 11.57 -11.96
N PHE A 221 23.41 10.87 -13.07
CA PHE A 221 22.34 10.11 -13.72
C PHE A 221 21.89 8.85 -12.99
N GLU A 222 22.83 7.96 -12.68
CA GLU A 222 22.50 6.72 -11.99
C GLU A 222 21.87 7.04 -10.64
N THR A 223 22.25 8.17 -10.07
CA THR A 223 21.61 8.67 -8.86
C THR A 223 20.18 9.08 -9.14
N LEU A 224 19.98 9.85 -10.20
CA LEU A 224 18.64 10.29 -10.60
C LEU A 224 17.70 9.10 -10.74
N ALA A 225 18.21 8.04 -11.36
CA ALA A 225 17.42 6.84 -11.59
C ALA A 225 17.03 6.11 -10.30
N ILE A 226 17.64 6.48 -9.19
CA ILE A 226 17.36 5.81 -7.93
C ILE A 226 16.70 6.73 -6.91
N ILE A 227 16.73 8.05 -7.16
CA ILE A 227 16.09 8.98 -6.25
C ILE A 227 14.81 9.58 -6.82
N PHE A 228 14.58 9.40 -8.12
CA PHE A 228 13.38 9.94 -8.75
C PHE A 228 12.06 9.40 -8.17
N PRO A 229 11.94 8.07 -7.94
CA PRO A 229 10.68 7.58 -7.37
C PRO A 229 10.37 8.16 -5.99
N VAL A 230 11.33 8.09 -5.08
CA VAL A 230 11.12 8.58 -3.71
C VAL A 230 10.90 10.09 -3.69
N ALA A 231 11.54 10.80 -4.62
CA ALA A 231 11.33 12.25 -4.72
C ALA A 231 9.92 12.53 -5.21
N LEU A 232 9.43 11.68 -6.10
CA LEU A 232 8.07 11.79 -6.62
C LEU A 232 7.04 11.58 -5.51
N THR A 233 7.18 10.48 -4.78
CA THR A 233 6.26 10.16 -3.70
C THR A 233 6.32 11.21 -2.58
N LEU A 234 7.53 11.61 -2.22
CA LEU A 234 7.73 12.66 -1.21
C LEU A 234 7.06 13.96 -1.63
N SER A 235 7.24 14.33 -2.88
CA SER A 235 6.65 15.56 -3.41
C SER A 235 5.14 15.50 -3.36
N LEU A 236 4.57 14.42 -3.89
CA LEU A 236 3.11 14.26 -3.93
C LEU A 236 2.49 14.26 -2.53
N VAL A 237 3.07 13.47 -1.63
CA VAL A 237 2.60 13.41 -0.24
C VAL A 237 2.71 14.78 0.42
N GLY A 238 3.80 15.47 0.18
CA GLY A 238 4.02 16.79 0.76
C GLY A 238 3.02 17.82 0.27
N LEU A 239 2.70 17.75 -1.01
CA LEU A 239 1.75 18.69 -1.60
C LEU A 239 0.33 18.39 -1.15
N LEU A 240 0.03 17.11 -0.94
CA LEU A 240 -1.27 16.72 -0.39
C LEU A 240 -1.42 17.23 1.04
N GLU A 241 -0.42 16.94 1.87
CA GLU A 241 -0.39 17.39 3.25
C GLU A 241 -0.52 18.91 3.34
N SER A 242 0.25 19.61 2.50
CA SER A 242 0.22 21.07 2.47
C SER A 242 -1.15 21.56 2.05
N LEU A 243 -1.76 20.88 1.08
CA LEU A 243 -3.09 21.25 0.59
C LEU A 243 -4.13 21.14 1.69
N LEU A 244 -4.21 19.98 2.32
CA LEU A 244 -5.23 19.74 3.34
C LEU A 244 -5.02 20.61 4.58
N THR A 245 -3.76 20.75 4.98
CA THR A 245 -3.44 21.62 6.12
C THR A 245 -3.86 23.05 5.81
N ALA A 246 -3.50 23.51 4.61
CA ALA A 246 -3.92 24.82 4.12
C ALA A 246 -5.43 24.96 4.27
N GLN A 247 -6.18 24.11 3.58
CA GLN A 247 -7.63 24.18 3.60
C GLN A 247 -8.24 24.16 5.00
N LEU A 248 -7.61 23.42 5.92
CA LEU A 248 -8.12 23.40 7.29
C LEU A 248 -7.88 24.74 7.98
N ILE A 249 -6.74 25.36 7.71
CA ILE A 249 -6.48 26.70 8.24
C ILE A 249 -7.42 27.71 7.58
N ASP A 250 -7.78 27.46 6.33
CA ASP A 250 -8.74 28.27 5.59
C ASP A 250 -10.09 28.25 6.29
N GLU A 251 -10.52 27.04 6.64
CA GLU A 251 -11.81 26.85 7.30
C GLU A 251 -11.80 27.44 8.71
N ARG A 252 -10.68 27.28 9.41
CA ARG A 252 -10.56 27.80 10.77
C ARG A 252 -10.64 29.33 10.81
N THR A 253 -10.10 29.97 9.77
CA THR A 253 -10.15 31.42 9.66
C THR A 253 -10.77 31.83 8.32
N ASP A 254 -10.07 32.70 7.60
CA ASP A 254 -10.49 33.11 6.26
C ASP A 254 -9.28 33.47 5.40
N THR A 255 -9.25 32.97 4.16
CA THR A 255 -8.17 33.29 3.25
C THR A 255 -8.46 32.87 1.80
N THR A 256 -7.77 33.53 0.88
CA THR A 256 -7.82 33.18 -0.54
C THR A 256 -6.47 32.63 -0.98
N SER A 257 -5.85 31.85 -0.08
CA SER A 257 -4.50 31.33 -0.27
C SER A 257 -4.31 30.59 -1.58
N ASP A 258 -3.31 31.02 -2.35
CA ASP A 258 -2.95 30.33 -3.58
C ASP A 258 -2.11 29.11 -3.24
N LYS A 259 -2.69 27.94 -3.43
CA LYS A 259 -2.01 26.68 -3.07
C LYS A 259 -0.81 26.42 -3.97
N ASN A 260 -0.79 27.07 -5.13
CA ASN A 260 0.36 26.99 -6.03
C ASN A 260 1.58 27.69 -5.44
N VAL A 261 1.36 28.87 -4.88
CA VAL A 261 2.42 29.61 -4.22
C VAL A 261 2.92 28.84 -3.00
N GLU A 262 1.97 28.23 -2.29
CA GLU A 262 2.29 27.39 -1.13
C GLU A 262 3.17 26.21 -1.55
N SER A 263 2.81 25.59 -2.67
CA SER A 263 3.58 24.47 -3.21
C SER A 263 4.98 24.91 -3.62
N ARG A 264 5.07 26.10 -4.22
CA ARG A 264 6.37 26.65 -4.61
C ARG A 264 7.26 26.89 -3.40
N GLY A 265 6.70 27.55 -2.38
CA GLY A 265 7.43 27.82 -1.15
C GLY A 265 7.91 26.53 -0.51
N GLN A 266 7.02 25.54 -0.49
CA GLN A 266 7.37 24.20 -0.03
C GLN A 266 8.58 23.68 -0.79
N GLY A 267 8.53 23.83 -2.10
CA GLY A 267 9.60 23.36 -2.98
C GLY A 267 10.94 24.01 -2.70
N VAL A 268 10.99 25.34 -2.76
CA VAL A 268 12.20 26.09 -2.47
C VAL A 268 12.76 25.70 -1.11
N ALA A 269 11.87 25.63 -0.12
CA ALA A 269 12.22 25.23 1.23
C ALA A 269 12.95 23.89 1.24
N ASN A 270 12.33 22.87 0.63
CA ASN A 270 12.94 21.56 0.57
C ASN A 270 14.25 21.54 -0.19
N ILE A 271 14.35 22.38 -1.22
CA ILE A 271 15.57 22.48 -2.02
C ILE A 271 16.75 22.98 -1.19
N VAL A 272 16.59 24.16 -0.59
CA VAL A 272 17.67 24.73 0.21
C VAL A 272 17.94 23.83 1.43
N THR A 273 16.89 23.17 1.91
CA THR A 273 17.02 22.22 3.00
C THR A 273 17.95 21.08 2.62
N GLY A 274 17.77 20.57 1.40
CA GLY A 274 18.62 19.51 0.88
C GLY A 274 20.04 20.02 0.68
N PHE A 275 20.17 21.29 0.32
CA PHE A 275 21.48 21.89 0.12
C PHE A 275 22.14 22.29 1.44
N PHE A 276 21.43 22.10 2.55
CA PHE A 276 22.00 22.41 3.85
C PHE A 276 21.97 21.22 4.81
N GLY A 277 22.13 20.02 4.25
CA GLY A 277 22.17 18.80 5.05
C GLY A 277 20.93 18.60 5.89
N GLY A 278 19.77 18.60 5.24
CA GLY A 278 18.51 18.47 5.94
C GLY A 278 17.63 17.36 5.39
N MET A 279 16.54 17.08 6.09
CA MET A 279 15.61 16.04 5.70
C MET A 279 14.58 16.58 4.71
N ALA A 280 13.52 15.82 4.49
CA ALA A 280 12.38 16.29 3.69
C ALA A 280 11.24 16.66 4.62
N GLY A 281 10.53 17.73 4.31
CA GLY A 281 9.46 18.20 5.17
C GLY A 281 8.23 18.68 4.44
N CYS A 282 7.13 18.77 5.18
CA CYS A 282 5.88 19.29 4.64
C CYS A 282 5.05 19.92 5.75
N ALA A 283 3.79 20.23 5.45
CA ALA A 283 2.89 20.83 6.42
C ALA A 283 2.49 19.84 7.50
N MET A 284 2.32 20.35 8.72
CA MET A 284 1.93 19.51 9.85
C MET A 284 0.56 19.91 10.37
N ILE A 285 -0.41 19.00 10.21
CA ILE A 285 -1.77 19.24 10.66
C ILE A 285 -1.86 19.62 12.13
N GLY A 286 -1.44 18.69 12.98
CA GLY A 286 -1.54 18.86 14.43
C GLY A 286 -0.94 20.14 14.97
N GLN A 287 0.28 20.46 14.54
CA GLN A 287 0.97 21.64 15.04
C GLN A 287 0.40 22.93 14.47
N SER A 288 -0.12 22.86 13.25
CA SER A 288 -0.80 24.01 12.66
C SER A 288 -2.06 24.31 13.47
N MET A 289 -2.75 23.24 13.88
CA MET A 289 -3.97 23.39 14.67
C MET A 289 -3.67 23.91 16.07
N ILE A 290 -2.64 23.37 16.71
CA ILE A 290 -2.23 23.85 18.03
C ILE A 290 -1.81 25.32 17.92
N ASN A 291 -1.22 25.68 16.80
CA ASN A 291 -0.82 27.06 16.54
C ASN A 291 -2.00 28.01 16.42
N VAL A 292 -2.90 27.73 15.47
CA VAL A 292 -4.04 28.61 15.23
C VAL A 292 -4.95 28.68 16.45
N THR A 293 -5.01 27.59 17.21
CA THR A 293 -5.81 27.54 18.43
C THR A 293 -5.22 28.43 19.52
N SER A 294 -3.89 28.56 19.52
CA SER A 294 -3.20 29.32 20.55
C SER A 294 -2.96 30.78 20.16
N GLY A 295 -3.50 31.18 19.00
CA GLY A 295 -3.47 32.58 18.60
C GLY A 295 -2.54 32.91 17.45
N GLY A 296 -1.88 31.90 16.89
CA GLY A 296 -0.95 32.12 15.80
C GLY A 296 -1.65 32.20 14.45
N ARG A 297 -1.49 33.35 13.77
CA ARG A 297 -2.09 33.55 12.46
C ARG A 297 -1.20 34.41 11.56
N GLY A 298 0.05 34.60 11.97
CA GLY A 298 0.99 35.38 11.19
C GLY A 298 2.16 34.54 10.72
N ARG A 299 2.95 35.08 9.79
CA ARG A 299 4.12 34.40 9.29
C ARG A 299 5.20 34.37 10.36
N LEU A 300 5.17 35.39 11.22
CA LEU A 300 6.11 35.50 12.33
C LEU A 300 5.90 34.33 13.30
N SER A 301 4.72 33.73 13.28
CA SER A 301 4.44 32.58 14.13
C SER A 301 5.32 31.40 13.72
N THR A 302 5.31 31.09 12.42
CA THR A 302 6.10 29.99 11.89
C THR A 302 7.60 30.30 11.95
N PHE A 303 7.94 31.55 11.62
CA PHE A 303 9.32 31.99 11.71
C PHE A 303 9.87 31.79 13.12
N VAL A 304 9.16 32.34 14.11
CA VAL A 304 9.56 32.20 15.50
C VAL A 304 9.56 30.73 15.91
N ALA A 305 8.68 29.94 15.31
CA ALA A 305 8.67 28.50 15.56
C ALA A 305 10.04 27.91 15.22
N GLY A 306 10.44 28.05 13.96
CA GLY A 306 11.73 27.52 13.53
C GLY A 306 12.93 28.10 14.24
N ALA A 307 12.95 29.43 14.36
CA ALA A 307 14.05 30.15 14.99
C ALA A 307 14.24 29.76 16.45
N PHE A 308 13.16 29.89 17.23
CA PHE A 308 13.21 29.54 18.64
C PHE A 308 13.48 28.05 18.81
N LEU A 309 13.08 27.25 17.83
CA LEU A 309 13.45 25.84 17.80
C LEU A 309 14.97 25.70 17.78
N MET A 310 15.61 26.34 16.81
CA MET A 310 17.06 26.27 16.67
C MET A 310 17.79 26.79 17.92
N VAL A 311 17.39 27.97 18.37
CA VAL A 311 17.99 28.59 19.55
C VAL A 311 17.86 27.68 20.78
N LEU A 312 16.68 27.10 20.96
CA LEU A 312 16.42 26.27 22.13
C LEU A 312 17.16 24.94 22.08
N ILE A 313 17.25 24.33 20.91
CA ILE A 313 17.98 23.06 20.79
C ILE A 313 19.47 23.30 20.96
N LEU A 314 19.94 24.48 20.56
CA LEU A 314 21.34 24.82 20.78
C LEU A 314 21.60 25.12 22.25
N ALA A 315 20.58 25.66 22.93
CA ALA A 315 20.71 26.01 24.34
C ALA A 315 20.71 24.77 25.24
N LEU A 316 19.81 23.83 24.96
CA LEU A 316 19.63 22.67 25.83
C LEU A 316 20.38 21.43 25.35
N GLN A 317 21.26 21.61 24.37
CA GLN A 317 22.01 20.51 23.76
C GLN A 317 22.58 19.47 24.77
N PRO A 318 23.38 19.93 25.77
CA PRO A 318 23.94 18.92 26.68
C PRO A 318 22.86 18.28 27.53
N LEU A 319 21.79 19.01 27.79
CA LEU A 319 20.64 18.49 28.50
C LEU A 319 19.77 17.67 27.55
N LEU A 320 19.77 18.07 26.28
CA LEU A 320 18.98 17.37 25.27
C LEU A 320 19.47 15.95 25.07
N VAL A 321 20.78 15.75 24.98
CA VAL A 321 21.32 14.41 24.73
C VAL A 321 21.12 13.47 25.93
N GLN A 322 20.65 14.02 27.05
CA GLN A 322 20.44 13.23 28.26
C GLN A 322 19.00 12.73 28.36
N ILE A 323 18.15 13.16 27.44
CA ILE A 323 16.74 12.77 27.45
C ILE A 323 16.59 11.29 27.15
N PRO A 324 15.98 10.54 28.08
CA PRO A 324 15.78 9.09 27.94
C PRO A 324 14.88 8.75 26.75
N MET A 325 15.13 7.58 26.14
CA MET A 325 14.39 7.18 24.94
C MET A 325 12.96 6.74 25.25
N ALA A 326 12.69 6.44 26.51
CA ALA A 326 11.35 6.00 26.91
C ALA A 326 10.33 7.13 26.77
N ALA A 327 10.76 8.35 27.08
CA ALA A 327 9.89 9.51 26.96
C ALA A 327 9.49 9.73 25.50
N LEU A 328 10.48 9.78 24.62
CA LEU A 328 10.24 10.02 23.20
C LEU A 328 9.49 8.87 22.56
N VAL A 329 9.74 7.65 23.03
CA VAL A 329 9.04 6.49 22.50
C VAL A 329 7.58 6.52 22.97
N ALA A 330 7.34 7.18 24.11
CA ALA A 330 5.98 7.36 24.60
C ALA A 330 5.26 8.42 23.75
N VAL A 331 5.95 9.52 23.49
CA VAL A 331 5.39 10.59 22.65
C VAL A 331 5.04 10.07 21.26
N MET A 332 5.95 9.27 20.69
CA MET A 332 5.70 8.67 19.39
C MET A 332 4.56 7.65 19.50
N MET A 333 4.52 6.95 20.62
CA MET A 333 3.47 5.97 20.86
C MET A 333 2.09 6.61 20.84
N VAL A 334 1.98 7.84 21.35
CA VAL A 334 0.68 8.49 21.36
C VAL A 334 0.41 9.22 20.04
N VAL A 335 1.46 9.69 19.36
CA VAL A 335 1.26 10.39 18.10
C VAL A 335 0.74 9.37 17.06
N ALA A 336 1.26 8.13 17.13
CA ALA A 336 0.74 7.04 16.30
C ALA A 336 -0.74 6.81 16.52
N ILE A 337 -1.14 6.66 17.78
CA ILE A 337 -2.54 6.46 18.15
C ILE A 337 -3.42 7.61 17.63
N SER A 338 -2.93 8.83 17.82
CA SER A 338 -3.65 9.99 17.33
C SER A 338 -3.81 9.94 15.81
N THR A 339 -2.80 9.39 15.13
CA THR A 339 -2.83 9.39 13.66
C THR A 339 -3.74 8.30 13.10
N PHE A 340 -3.70 7.10 13.64
CA PHE A 340 -4.39 5.95 13.04
C PHE A 340 -5.91 6.05 13.03
N ASP A 341 -6.50 6.02 14.22
CA ASP A 341 -7.95 5.85 14.40
C ASP A 341 -8.83 6.63 13.42
N TRP A 342 -9.52 5.89 12.56
CA TRP A 342 -10.42 6.47 11.58
C TRP A 342 -11.83 5.94 11.74
N GLY A 343 -12.63 6.05 10.68
CA GLY A 343 -13.94 5.44 10.64
C GLY A 343 -13.84 4.01 10.16
N SER A 344 -13.68 3.10 11.11
CA SER A 344 -13.64 1.67 10.79
C SER A 344 -15.04 1.20 10.44
N LEU A 345 -15.49 1.57 9.24
CA LEU A 345 -16.87 1.36 8.81
C LEU A 345 -17.33 -0.10 8.94
N ARG A 346 -18.61 -0.26 9.25
CA ARG A 346 -19.19 -1.59 9.44
C ARG A 346 -19.37 -2.32 8.12
N PHE A 351 -20.91 0.26 2.06
CA PHE A 351 -19.76 1.05 1.63
C PHE A 351 -19.00 0.32 0.52
N PRO A 352 -18.53 1.08 -0.49
CA PRO A 352 -17.83 0.54 -1.67
C PRO A 352 -16.73 -0.44 -1.32
N LYS A 353 -16.89 -1.69 -1.77
CA LYS A 353 -15.94 -2.75 -1.44
C LYS A 353 -14.56 -2.45 -2.01
N GLY A 354 -14.52 -1.85 -3.19
CA GLY A 354 -13.28 -1.55 -3.87
C GLY A 354 -12.38 -0.59 -3.11
N GLU A 355 -12.98 0.47 -2.55
CA GLU A 355 -12.24 1.48 -1.82
C GLU A 355 -11.64 0.91 -0.53
N THR A 356 -12.46 0.14 0.20
CA THR A 356 -12.01 -0.58 1.38
C THR A 356 -10.86 -1.51 1.01
N VAL A 357 -11.00 -2.18 -0.13
CA VAL A 357 -9.96 -3.05 -0.67
C VAL A 357 -8.67 -2.28 -0.88
N VAL A 358 -8.78 -1.06 -1.40
CA VAL A 358 -7.61 -0.22 -1.62
C VAL A 358 -6.92 0.13 -0.30
N MET A 359 -7.70 0.63 0.66
CA MET A 359 -7.16 1.00 1.97
C MET A 359 -6.45 -0.18 2.64
N LEU A 360 -7.16 -1.29 2.76
CA LEU A 360 -6.62 -2.48 3.40
C LEU A 360 -5.41 -3.04 2.65
N ALA A 361 -5.41 -2.86 1.33
CA ALA A 361 -4.26 -3.27 0.52
C ALA A 361 -3.03 -2.48 0.90
N THR A 362 -3.15 -1.15 0.89
CA THR A 362 -2.06 -0.27 1.27
C THR A 362 -1.56 -0.61 2.67
N VAL A 363 -2.50 -0.71 3.62
CA VAL A 363 -2.19 -1.02 5.01
C VAL A 363 -1.41 -2.33 5.15
N ALA A 364 -1.97 -3.42 4.62
CA ALA A 364 -1.37 -4.74 4.74
C ALA A 364 0.01 -4.81 4.07
N VAL A 365 0.12 -4.25 2.87
CA VAL A 365 1.38 -4.27 2.14
C VAL A 365 2.46 -3.49 2.90
N THR A 366 2.11 -2.30 3.38
CA THR A 366 3.06 -1.50 4.15
C THR A 366 3.48 -2.22 5.43
N VAL A 367 2.50 -2.84 6.11
CA VAL A 367 2.77 -3.58 7.33
C VAL A 367 3.73 -4.75 7.09
N PHE A 368 3.50 -5.50 6.03
CA PHE A 368 4.30 -6.68 5.74
C PHE A 368 5.70 -6.33 5.24
N THR A 369 5.80 -5.31 4.39
CA THR A 369 7.07 -5.00 3.75
C THR A 369 7.87 -3.94 4.50
N HIS A 370 7.19 -3.22 5.40
CA HIS A 370 7.79 -2.09 6.12
C HIS A 370 8.25 -1.01 5.14
N ASP A 371 7.49 -0.86 4.05
CA ASP A 371 7.78 0.14 3.04
C ASP A 371 6.52 0.92 2.68
N LEU A 372 6.45 2.16 3.15
CA LEU A 372 5.29 3.02 2.93
C LEU A 372 5.14 3.35 1.44
N SER A 373 6.28 3.50 0.77
CA SER A 373 6.31 3.83 -0.65
C SER A 373 5.61 2.76 -1.49
N LEU A 374 5.79 1.50 -1.11
CA LEU A 374 5.16 0.40 -1.83
C LEU A 374 3.65 0.41 -1.63
N GLY A 375 3.21 0.67 -0.40
CA GLY A 375 1.80 0.80 -0.11
C GLY A 375 1.16 1.90 -0.95
N VAL A 376 1.85 3.04 -1.01
CA VAL A 376 1.40 4.14 -1.86
C VAL A 376 1.31 3.71 -3.32
N LEU A 377 2.34 2.99 -3.78
CA LEU A 377 2.40 2.53 -5.16
C LEU A 377 1.22 1.64 -5.53
N ILE A 378 0.98 0.62 -4.71
CA ILE A 378 -0.11 -0.31 -4.99
C ILE A 378 -1.46 0.39 -4.84
N GLY A 379 -1.51 1.41 -3.97
CA GLY A 379 -2.71 2.21 -3.84
C GLY A 379 -3.00 2.92 -5.16
N VAL A 380 -1.96 3.53 -5.71
CA VAL A 380 -2.07 4.23 -6.98
C VAL A 380 -2.52 3.31 -8.11
N VAL A 381 -1.84 2.17 -8.27
CA VAL A 381 -2.16 1.28 -9.38
C VAL A 381 -3.54 0.63 -9.21
N LEU A 382 -3.93 0.33 -7.98
CA LEU A 382 -5.25 -0.24 -7.73
C LEU A 382 -6.35 0.77 -8.05
N SER A 383 -6.18 1.98 -7.54
CA SER A 383 -7.11 3.07 -7.83
C SER A 383 -7.21 3.29 -9.33
N ALA A 384 -6.08 3.13 -10.03
CA ALA A 384 -6.04 3.28 -11.48
C ALA A 384 -6.84 2.18 -12.17
N LEU A 385 -6.70 0.95 -11.70
CA LEU A 385 -7.44 -0.18 -12.26
C LEU A 385 -8.93 -0.01 -12.07
N PHE A 386 -9.35 0.28 -10.83
CA PHE A 386 -10.75 0.53 -10.53
C PHE A 386 -11.29 1.67 -11.37
N PHE A 387 -10.45 2.69 -11.58
CA PHE A 387 -10.81 3.81 -12.44
C PHE A 387 -11.08 3.34 -13.86
N ALA A 388 -10.18 2.53 -14.40
CA ALA A 388 -10.35 1.97 -15.74
C ALA A 388 -11.61 1.12 -15.84
N ARG A 389 -12.01 0.53 -14.71
CA ARG A 389 -13.21 -0.27 -14.67
C ARG A 389 -14.47 0.59 -14.58
N LYS A 390 -14.31 1.80 -14.05
CA LYS A 390 -15.42 2.75 -13.96
C LYS A 390 -15.61 3.49 -15.27
N VAL A 391 -14.53 3.60 -16.05
CA VAL A 391 -14.53 4.47 -17.22
C VAL A 391 -14.61 3.71 -18.55
N SER A 392 -14.14 2.47 -18.59
CA SER A 392 -14.09 1.75 -19.86
C SER A 392 -14.54 0.29 -19.81
N GLN A 393 -14.40 -0.38 -20.95
CA GLN A 393 -14.85 -1.76 -21.14
C GLN A 393 -13.69 -2.75 -21.11
N LEU A 394 -12.75 -2.60 -22.04
CA LEU A 394 -11.53 -3.41 -22.12
C LEU A 394 -11.76 -4.90 -22.40
N SER A 395 -13.01 -5.33 -22.44
CA SER A 395 -13.31 -6.72 -22.77
C SER A 395 -14.77 -6.89 -23.17
N GLN A 396 -15.01 -7.62 -24.26
CA GLN A 396 -16.36 -7.90 -24.71
C GLN A 396 -16.46 -9.30 -25.28
N VAL A 397 -17.64 -9.91 -25.14
CA VAL A 397 -17.89 -11.21 -25.74
C VAL A 397 -18.75 -11.04 -26.98
N THR A 398 -18.54 -11.92 -27.96
CA THR A 398 -19.32 -11.89 -29.19
C THR A 398 -19.84 -13.28 -29.53
N PRO A 399 -21.13 -13.51 -29.32
CA PRO A 399 -21.82 -14.76 -29.66
C PRO A 399 -21.95 -14.96 -31.17
N VAL A 400 -21.44 -16.08 -31.67
CA VAL A 400 -21.47 -16.39 -33.09
C VAL A 400 -22.05 -17.78 -33.30
N ASP A 401 -22.77 -17.98 -34.41
CA ASP A 401 -23.32 -19.28 -34.74
C ASP A 401 -22.58 -19.94 -35.89
N GLU A 402 -22.05 -21.12 -35.64
CA GLU A 402 -21.49 -21.95 -36.71
C GLU A 402 -22.66 -22.60 -37.43
N VAL A 403 -22.42 -23.19 -38.60
CA VAL A 403 -23.49 -23.84 -39.35
C VAL A 403 -24.01 -25.08 -38.61
N ASP A 404 -23.23 -25.53 -37.64
CA ASP A 404 -23.63 -26.65 -36.79
C ASP A 404 -24.79 -26.26 -35.87
N GLY A 405 -24.99 -24.96 -35.71
CA GLY A 405 -26.04 -24.46 -34.84
C GLY A 405 -25.56 -24.42 -33.39
N THR A 406 -24.25 -24.41 -33.21
CA THR A 406 -23.65 -24.39 -31.88
C THR A 406 -23.15 -22.99 -31.52
N ARG A 407 -23.63 -22.49 -30.39
CA ARG A 407 -23.26 -21.16 -29.91
C ARG A 407 -21.80 -21.10 -29.50
N THR A 408 -21.01 -20.28 -30.19
CA THR A 408 -19.64 -20.06 -29.77
C THR A 408 -19.44 -18.62 -29.30
N TYR A 409 -19.10 -18.47 -28.02
CA TYR A 409 -18.91 -17.15 -27.42
C TYR A 409 -17.46 -16.70 -27.53
N ARG A 410 -17.19 -15.72 -28.38
CA ARG A 410 -15.83 -15.23 -28.56
C ARG A 410 -15.49 -14.13 -27.54
N VAL A 411 -14.81 -14.52 -26.48
CA VAL A 411 -14.38 -13.58 -25.45
C VAL A 411 -13.09 -12.87 -25.85
N ARG A 412 -13.17 -11.56 -26.06
CA ARG A 412 -12.00 -10.78 -26.44
C ARG A 412 -11.69 -9.68 -25.43
N GLY A 413 -10.42 -9.35 -25.29
CA GLY A 413 -10.01 -8.25 -24.42
C GLY A 413 -9.34 -8.68 -23.14
N GLN A 414 -8.96 -7.69 -22.33
CA GLN A 414 -8.32 -7.94 -21.04
C GLN A 414 -9.35 -8.12 -19.95
N LEU A 415 -9.17 -9.15 -19.13
CA LEU A 415 -10.11 -9.44 -18.05
C LEU A 415 -9.45 -9.38 -16.68
N PHE A 416 -9.69 -8.31 -15.94
CA PHE A 416 -9.17 -8.17 -14.59
C PHE A 416 -10.23 -7.56 -13.67
N PHE A 417 -10.28 -8.06 -12.44
CA PHE A 417 -11.28 -7.64 -11.46
C PHE A 417 -12.70 -7.75 -11.99
N VAL A 418 -12.93 -8.71 -12.88
CA VAL A 418 -14.19 -8.81 -13.61
C VAL A 418 -15.37 -9.12 -12.68
N SER A 419 -16.52 -8.52 -12.98
CA SER A 419 -17.74 -8.81 -12.26
C SER A 419 -18.41 -10.05 -12.86
N THR A 420 -18.80 -10.99 -12.00
CA THR A 420 -19.43 -12.21 -12.46
C THR A 420 -20.81 -11.96 -13.07
N HIS A 421 -21.50 -10.96 -12.55
CA HIS A 421 -22.84 -10.62 -13.01
C HIS A 421 -22.81 -10.14 -14.46
N ASP A 422 -21.88 -9.24 -14.76
CA ASP A 422 -21.72 -8.71 -16.11
C ASP A 422 -21.34 -9.81 -17.09
N PHE A 423 -20.63 -10.82 -16.60
CA PHE A 423 -20.18 -11.93 -17.43
C PHE A 423 -21.33 -12.89 -17.72
N LEU A 424 -22.13 -13.18 -16.70
CA LEU A 424 -23.29 -14.04 -16.85
C LEU A 424 -24.35 -13.42 -17.74
N HIS A 425 -24.52 -12.10 -17.61
CA HIS A 425 -25.55 -11.39 -18.37
C HIS A 425 -25.26 -11.40 -19.87
N GLN A 426 -23.98 -11.56 -20.23
CA GLN A 426 -23.57 -11.55 -21.63
C GLN A 426 -23.63 -12.94 -22.24
N PHE A 427 -24.13 -13.90 -21.47
CA PHE A 427 -24.33 -15.26 -21.97
C PHE A 427 -25.81 -15.63 -21.90
N ASP A 428 -26.27 -16.45 -22.83
CA ASP A 428 -27.68 -16.80 -22.91
C ASP A 428 -27.96 -18.13 -22.21
N PHE A 429 -28.78 -18.07 -21.15
CA PHE A 429 -29.12 -19.25 -20.38
C PHE A 429 -30.60 -19.60 -20.52
N THR A 430 -31.30 -18.87 -21.38
CA THR A 430 -32.74 -19.05 -21.56
C THR A 430 -33.07 -20.44 -22.10
N HIS A 431 -32.39 -20.86 -23.16
CA HIS A 431 -32.64 -22.17 -23.75
C HIS A 431 -31.42 -23.07 -23.61
N PRO A 432 -31.52 -24.09 -22.74
CA PRO A 432 -30.43 -25.04 -22.53
C PRO A 432 -30.08 -25.83 -23.79
N ALA A 433 -29.05 -25.39 -24.51
CA ALA A 433 -28.63 -26.08 -25.72
C ALA A 433 -27.92 -27.38 -25.39
N ARG A 434 -27.52 -28.11 -26.43
CA ARG A 434 -26.77 -29.35 -26.24
C ARG A 434 -25.33 -29.05 -25.85
N ARG A 435 -24.64 -28.28 -26.68
CA ARG A 435 -23.24 -27.94 -26.44
C ARG A 435 -22.97 -26.47 -26.73
N VAL A 436 -22.08 -25.87 -25.95
CA VAL A 436 -21.70 -24.48 -26.11
C VAL A 436 -20.19 -24.32 -26.13
N VAL A 437 -19.67 -23.66 -27.16
CA VAL A 437 -18.25 -23.42 -27.27
C VAL A 437 -17.89 -22.07 -26.66
N ILE A 438 -16.83 -22.04 -25.85
CA ILE A 438 -16.36 -20.80 -25.26
C ILE A 438 -14.94 -20.50 -25.74
N ASP A 439 -14.82 -19.52 -26.63
CA ASP A 439 -13.54 -19.18 -27.23
C ASP A 439 -12.80 -18.11 -26.42
N LEU A 440 -11.64 -18.49 -25.88
CA LEU A 440 -10.81 -17.57 -25.12
C LEU A 440 -9.53 -17.24 -25.87
N SER A 441 -9.53 -17.54 -27.17
CA SER A 441 -8.34 -17.36 -28.01
C SER A 441 -7.89 -15.91 -28.09
N ASP A 442 -8.82 -14.98 -27.85
CA ASP A 442 -8.51 -13.56 -27.90
C ASP A 442 -8.72 -12.90 -26.54
N ALA A 443 -8.73 -13.71 -25.49
CA ALA A 443 -8.95 -13.20 -24.14
C ALA A 443 -7.68 -13.24 -23.30
N HIS A 444 -7.67 -12.48 -22.20
CA HIS A 444 -6.54 -12.45 -21.29
C HIS A 444 -7.02 -12.35 -19.85
N PHE A 445 -6.71 -13.36 -19.04
CA PHE A 445 -7.11 -13.37 -17.64
C PHE A 445 -5.95 -12.85 -16.78
N TRP A 446 -6.17 -11.74 -16.08
CA TRP A 446 -5.13 -11.14 -15.26
C TRP A 446 -5.39 -11.36 -13.78
N ASP A 447 -6.56 -11.91 -13.45
CA ASP A 447 -6.95 -12.08 -12.07
C ASP A 447 -7.71 -13.39 -11.86
N GLY A 448 -7.70 -13.89 -10.63
CA GLY A 448 -8.42 -15.10 -10.29
C GLY A 448 -9.92 -14.93 -10.38
N SER A 449 -10.37 -13.68 -10.38
CA SER A 449 -11.79 -13.36 -10.51
C SER A 449 -12.29 -13.67 -11.92
N ALA A 450 -11.40 -13.54 -12.90
CA ALA A 450 -11.73 -13.92 -14.27
C ALA A 450 -12.04 -15.41 -14.33
N VAL A 451 -11.09 -16.18 -13.79
CA VAL A 451 -11.26 -17.61 -13.62
C VAL A 451 -12.60 -17.89 -12.97
N GLY A 452 -12.80 -17.39 -11.76
CA GLY A 452 -14.03 -17.60 -11.02
C GLY A 452 -15.31 -17.29 -11.78
N ALA A 453 -15.30 -16.19 -12.54
CA ALA A 453 -16.45 -15.80 -13.34
C ALA A 453 -16.74 -16.84 -14.41
N LEU A 454 -15.71 -17.17 -15.19
CA LEU A 454 -15.84 -18.21 -16.21
C LEU A 454 -16.34 -19.51 -15.59
N ASP A 455 -15.85 -19.81 -14.40
CA ASP A 455 -16.24 -21.00 -13.66
C ASP A 455 -17.72 -20.99 -13.31
N LYS A 456 -18.21 -19.82 -12.91
CA LYS A 456 -19.63 -19.70 -12.57
C LYS A 456 -20.47 -19.91 -13.81
N VAL A 457 -20.03 -19.35 -14.93
CA VAL A 457 -20.72 -19.55 -16.20
C VAL A 457 -20.80 -21.04 -16.57
N MET A 458 -19.65 -21.69 -16.62
CA MET A 458 -19.58 -23.09 -17.03
C MET A 458 -20.33 -24.00 -16.06
N LEU A 459 -20.24 -23.71 -14.77
CA LEU A 459 -20.94 -24.49 -13.76
C LEU A 459 -22.44 -24.34 -13.94
N LYS A 460 -22.86 -23.14 -14.32
CA LYS A 460 -24.29 -22.90 -14.57
C LYS A 460 -24.75 -23.69 -15.79
N PHE A 461 -23.97 -23.65 -16.87
CA PHE A 461 -24.30 -24.40 -18.08
C PHE A 461 -24.37 -25.90 -17.83
N MET A 462 -23.38 -26.42 -17.11
CA MET A 462 -23.29 -27.84 -16.81
C MET A 462 -24.41 -28.29 -15.87
N ARG A 463 -24.78 -27.42 -14.94
CA ARG A 463 -25.89 -27.71 -14.04
C ARG A 463 -27.20 -27.68 -14.82
N GLN A 464 -27.23 -26.87 -15.88
CA GLN A 464 -28.41 -26.75 -16.73
C GLN A 464 -28.54 -27.96 -17.65
N GLY A 465 -27.44 -28.68 -17.85
CA GLY A 465 -27.43 -29.85 -18.70
C GLY A 465 -26.76 -29.60 -20.03
N THR A 466 -26.16 -28.42 -20.17
CA THR A 466 -25.49 -28.04 -21.41
C THR A 466 -23.97 -28.17 -21.28
N SER A 467 -23.37 -28.96 -22.16
CA SER A 467 -21.93 -29.19 -22.12
C SER A 467 -21.16 -28.00 -22.69
N VAL A 468 -19.95 -27.79 -22.19
CA VAL A 468 -19.13 -26.65 -22.60
C VAL A 468 -17.77 -27.07 -23.15
N GLU A 469 -17.39 -26.47 -24.28
CA GLU A 469 -16.10 -26.75 -24.91
C GLU A 469 -15.22 -25.49 -24.86
N LEU A 470 -14.12 -25.56 -24.11
CA LEU A 470 -13.23 -24.41 -23.95
C LEU A 470 -12.17 -24.35 -25.04
N ARG A 471 -12.01 -23.18 -25.65
CA ARG A 471 -11.12 -23.02 -26.79
C ARG A 471 -10.13 -21.87 -26.60
N GLY A 472 -8.89 -22.06 -27.07
CA GLY A 472 -7.86 -21.05 -26.98
C GLY A 472 -7.62 -20.58 -25.57
N LEU A 473 -7.48 -21.54 -24.66
CA LEU A 473 -7.55 -21.27 -23.23
C LEU A 473 -6.23 -20.83 -22.60
N ASN A 474 -5.22 -21.69 -22.70
CA ASN A 474 -3.96 -21.52 -21.98
C ASN A 474 -3.33 -20.13 -22.15
N ALA A 475 -3.53 -19.54 -23.31
CA ALA A 475 -3.02 -18.19 -23.58
C ALA A 475 -3.71 -17.15 -22.69
N ALA A 476 -5.00 -17.35 -22.46
CA ALA A 476 -5.79 -16.42 -21.64
C ALA A 476 -5.43 -16.54 -20.17
N SER A 477 -5.23 -17.77 -19.71
CA SER A 477 -4.94 -18.02 -18.30
C SER A 477 -3.46 -17.89 -17.98
N ALA A 478 -2.68 -17.45 -18.96
CA ALA A 478 -1.24 -17.29 -18.78
C ALA A 478 -0.90 -15.89 -18.27
N THR A 479 -1.80 -14.95 -18.47
CA THR A 479 -1.58 -13.56 -18.07
C THR A 479 -1.91 -13.32 -16.60
N LEU A 480 -2.24 -14.39 -15.88
CA LEU A 480 -2.62 -14.29 -14.48
C LEU A 480 -1.49 -13.70 -13.63
N VAL A 481 -1.84 -12.73 -12.79
CA VAL A 481 -0.88 -12.09 -11.90
C VAL A 481 -0.39 -13.10 -10.85
N GLU A 482 -1.24 -14.08 -10.54
CA GLU A 482 -0.91 -15.12 -9.57
C GLU A 482 0.29 -15.96 -10.01
N ARG A 483 0.69 -15.82 -11.28
CA ARG A 483 1.89 -16.46 -11.79
C ARG A 483 3.15 -15.73 -11.32
N LEU A 484 2.94 -14.61 -10.62
CA LEU A 484 4.02 -13.76 -10.12
C LEU A 484 4.93 -13.29 -11.25
N GLU B 9 -8.85 -43.05 -6.91
CA GLU B 9 -8.32 -42.88 -8.27
C GLU B 9 -7.46 -44.08 -8.67
N SER B 10 -7.78 -44.67 -9.82
CA SER B 10 -7.09 -45.86 -10.30
C SER B 10 -7.14 -45.97 -11.82
N GLY B 11 -6.03 -46.39 -12.42
CA GLY B 11 -5.99 -46.63 -13.86
C GLY B 11 -4.69 -46.27 -14.54
N GLY B 12 -3.69 -45.86 -13.76
CA GLY B 12 -2.41 -45.46 -14.32
C GLY B 12 -1.62 -46.62 -14.91
N GLY B 13 -0.82 -46.33 -15.93
CA GLY B 13 -0.01 -47.36 -16.58
C GLY B 13 0.74 -46.86 -17.81
N LEU B 14 1.28 -47.81 -18.58
CA LEU B 14 2.03 -47.49 -19.79
C LEU B 14 1.17 -47.66 -21.04
N VAL B 15 1.29 -46.72 -21.98
CA VAL B 15 0.49 -46.74 -23.20
C VAL B 15 1.37 -46.62 -24.45
N GLN B 16 0.94 -47.22 -25.55
CA GLN B 16 1.70 -47.17 -26.80
C GLN B 16 1.34 -45.96 -27.68
N ALA B 17 1.69 -46.05 -28.95
CA ALA B 17 1.60 -44.92 -29.88
C ALA B 17 0.17 -44.38 -30.04
N GLY B 18 -0.78 -45.28 -30.27
CA GLY B 18 -2.16 -44.89 -30.45
C GLY B 18 -3.08 -45.58 -29.46
N GLY B 19 -2.50 -46.05 -28.37
CA GLY B 19 -3.21 -46.84 -27.37
C GLY B 19 -4.31 -46.08 -26.65
N SER B 20 -4.98 -46.78 -25.75
CA SER B 20 -6.09 -46.20 -25.00
C SER B 20 -6.07 -46.64 -23.54
N LEU B 21 -6.81 -45.92 -22.70
CA LEU B 21 -6.82 -46.18 -21.26
C LEU B 21 -7.93 -45.42 -20.55
N ARG B 22 -8.67 -46.09 -19.69
CA ARG B 22 -9.73 -45.47 -18.90
C ARG B 22 -9.29 -45.24 -17.46
N LEU B 23 -9.57 -44.05 -16.94
CA LEU B 23 -9.16 -43.69 -15.58
C LEU B 23 -10.35 -43.53 -14.63
N SER B 24 -10.51 -44.48 -13.71
CA SER B 24 -11.60 -44.42 -12.75
C SER B 24 -11.14 -43.83 -11.42
N CYS B 25 -11.78 -42.73 -11.02
CA CYS B 25 -11.46 -42.06 -9.77
C CYS B 25 -12.50 -42.39 -8.70
N ALA B 26 -12.02 -42.90 -7.57
CA ALA B 26 -12.87 -43.27 -6.45
C ALA B 26 -12.66 -42.36 -5.26
N ALA B 27 -13.75 -41.84 -4.71
CA ALA B 27 -13.68 -40.96 -3.55
C ALA B 27 -13.94 -41.74 -2.26
N SER B 28 -12.88 -42.05 -1.55
CA SER B 28 -12.98 -42.89 -0.35
C SER B 28 -13.59 -42.15 0.84
N GLY B 29 -13.63 -40.82 0.76
CA GLY B 29 -14.13 -40.00 1.84
C GLY B 29 -15.57 -40.29 2.26
N SER B 34 -21.55 -32.24 -3.39
CA SER B 34 -21.11 -33.34 -4.22
C SER B 34 -21.72 -33.20 -5.62
N ASP B 35 -21.64 -32.00 -6.17
CA ASP B 35 -22.25 -31.66 -7.45
C ASP B 35 -21.41 -32.09 -8.66
N VAL B 36 -20.17 -31.64 -8.65
CA VAL B 36 -19.30 -31.72 -9.80
C VAL B 36 -17.96 -32.38 -9.46
N MET B 37 -17.41 -33.12 -10.42
CA MET B 37 -16.11 -33.76 -10.26
C MET B 37 -15.20 -33.51 -11.46
N GLY B 38 -13.93 -33.21 -11.18
CA GLY B 38 -12.99 -32.83 -12.22
C GLY B 38 -11.74 -33.68 -12.38
N TRP B 39 -10.99 -33.37 -13.45
CA TRP B 39 -9.78 -34.07 -13.83
C TRP B 39 -8.78 -33.08 -14.45
N PHE B 40 -7.58 -33.04 -13.87
CA PHE B 40 -6.50 -32.20 -14.36
C PHE B 40 -5.29 -33.06 -14.74
N ARG B 41 -4.43 -32.54 -15.61
CA ARG B 41 -3.18 -33.24 -15.90
C ARG B 41 -1.97 -32.33 -15.67
N GLN B 42 -0.96 -32.89 -15.03
CA GLN B 42 0.24 -32.15 -14.66
C GLN B 42 1.46 -32.66 -15.42
N ALA B 43 1.92 -31.88 -16.38
CA ALA B 43 3.16 -32.18 -17.08
C ALA B 43 4.33 -31.99 -16.13
N PRO B 44 5.25 -32.97 -16.09
CA PRO B 44 6.37 -32.98 -15.14
C PRO B 44 7.25 -31.73 -15.24
N GLY B 45 7.18 -30.87 -14.24
CA GLY B 45 7.97 -29.65 -14.21
C GLY B 45 7.28 -28.47 -14.86
N LYS B 46 6.16 -28.74 -15.53
CA LYS B 46 5.42 -27.71 -16.23
C LYS B 46 4.11 -27.38 -15.51
N GLU B 47 3.53 -26.23 -15.81
CA GLU B 47 2.28 -25.78 -15.21
C GLU B 47 1.16 -26.80 -15.35
N ARG B 48 0.32 -26.88 -14.33
CA ARG B 48 -0.81 -27.79 -14.32
C ARG B 48 -1.82 -27.42 -15.40
N GLU B 49 -2.58 -28.39 -15.88
CA GLU B 49 -3.51 -28.16 -16.98
C GLU B 49 -4.86 -28.81 -16.71
N PHE B 50 -5.93 -28.18 -17.20
CA PHE B 50 -7.27 -28.71 -17.04
C PHE B 50 -7.58 -29.75 -18.12
N VAL B 51 -8.25 -30.83 -17.72
CA VAL B 51 -8.65 -31.86 -18.68
C VAL B 51 -10.16 -31.86 -18.85
N ALA B 52 -10.90 -32.21 -17.80
CA ALA B 52 -12.34 -32.29 -17.94
C ALA B 52 -13.08 -32.16 -16.61
N ALA B 53 -14.41 -32.02 -16.67
CA ALA B 53 -15.22 -31.95 -15.45
C ALA B 53 -16.69 -32.27 -15.76
N VAL B 54 -17.35 -32.97 -14.85
CA VAL B 54 -18.73 -33.40 -15.08
C VAL B 54 -19.60 -33.21 -13.84
N THR B 55 -20.82 -32.72 -14.05
CA THR B 55 -21.77 -32.50 -12.96
C THR B 55 -22.75 -33.66 -12.80
N ARG B 56 -23.55 -33.62 -11.74
CA ARG B 56 -24.60 -34.62 -11.52
C ARG B 56 -25.71 -34.49 -12.53
N SER B 57 -25.98 -33.26 -12.96
CA SER B 57 -27.04 -32.98 -13.92
C SER B 57 -26.79 -33.69 -15.25
N GLY B 58 -25.52 -33.89 -15.59
CA GLY B 58 -25.14 -34.59 -16.80
C GLY B 58 -24.31 -33.74 -17.74
N GLY B 59 -23.99 -32.53 -17.31
CA GLY B 59 -23.25 -31.60 -18.14
C GLY B 59 -21.76 -31.80 -18.08
N LYS B 60 -21.12 -31.78 -19.25
CA LYS B 60 -19.68 -32.00 -19.34
C LYS B 60 -18.92 -30.72 -19.68
N SER B 61 -17.63 -30.72 -19.39
CA SER B 61 -16.75 -29.60 -19.72
C SER B 61 -15.38 -30.12 -20.10
N TYR B 62 -14.93 -29.78 -21.30
CA TYR B 62 -13.66 -30.26 -21.82
C TYR B 62 -12.67 -29.13 -22.06
N ASN B 63 -11.40 -29.49 -22.20
CA ASN B 63 -10.37 -28.55 -22.59
C ASN B 63 -9.92 -28.87 -24.01
N ALA B 64 -10.57 -28.25 -25.00
CA ALA B 64 -10.32 -28.55 -26.41
C ALA B 64 -8.90 -28.19 -26.84
N ASP B 65 -8.13 -27.60 -25.93
CA ASP B 65 -6.73 -27.28 -26.19
C ASP B 65 -5.84 -28.48 -25.86
N SER B 66 -6.08 -29.10 -24.72
CA SER B 66 -5.34 -30.31 -24.34
C SER B 66 -6.08 -31.56 -24.81
N VAL B 67 -7.41 -31.45 -24.89
CA VAL B 67 -8.24 -32.56 -25.34
C VAL B 67 -8.83 -32.25 -26.72
N LYS B 68 -8.12 -32.63 -27.77
CA LYS B 68 -8.57 -32.36 -29.12
C LYS B 68 -9.71 -33.30 -29.55
N GLY B 69 -10.77 -33.34 -28.75
CA GLY B 69 -11.93 -34.17 -29.04
C GLY B 69 -11.64 -35.65 -28.90
N ARG B 70 -10.59 -35.99 -28.16
CA ARG B 70 -10.16 -37.37 -28.03
C ARG B 70 -10.69 -38.04 -26.76
N PHE B 71 -10.62 -37.33 -25.63
CA PHE B 71 -10.97 -37.93 -24.35
C PHE B 71 -12.47 -37.79 -24.09
N THR B 72 -12.97 -38.52 -23.09
CA THR B 72 -14.40 -38.55 -22.80
C THR B 72 -14.66 -38.77 -21.31
N ILE B 73 -15.24 -37.76 -20.65
CA ILE B 73 -15.48 -37.86 -19.21
C ILE B 73 -16.93 -38.28 -18.92
N SER B 74 -17.12 -39.07 -17.87
CA SER B 74 -18.46 -39.51 -17.47
C SER B 74 -18.51 -39.84 -15.98
N ARG B 75 -19.65 -39.62 -15.36
CA ARG B 75 -19.82 -39.97 -13.96
C ARG B 75 -20.52 -41.32 -13.82
N ASP B 76 -19.93 -42.20 -13.02
CA ASP B 76 -20.54 -43.50 -12.75
C ASP B 76 -21.79 -43.35 -11.90
N ASN B 77 -22.65 -44.36 -11.94
CA ASN B 77 -23.87 -44.35 -11.14
C ASN B 77 -23.57 -44.40 -9.65
N ALA B 78 -22.42 -44.98 -9.31
CA ALA B 78 -21.95 -45.02 -7.92
C ALA B 78 -21.69 -43.61 -7.43
N LYS B 79 -21.89 -43.40 -6.13
CA LYS B 79 -21.79 -42.06 -5.55
C LYS B 79 -20.37 -41.52 -5.54
N ASN B 80 -19.39 -42.40 -5.52
CA ASN B 80 -17.99 -42.00 -5.39
C ASN B 80 -17.11 -42.48 -6.53
N THR B 81 -17.52 -42.24 -7.77
CA THR B 81 -16.75 -42.70 -8.92
C THR B 81 -16.94 -41.83 -10.16
N VAL B 82 -15.83 -41.46 -10.80
CA VAL B 82 -15.90 -40.76 -12.08
C VAL B 82 -14.83 -41.28 -13.05
N SER B 83 -15.26 -41.64 -14.25
CA SER B 83 -14.36 -42.22 -15.25
C SER B 83 -13.95 -41.23 -16.34
N LEU B 84 -12.70 -41.33 -16.76
CA LEU B 84 -12.16 -40.51 -17.83
C LEU B 84 -11.53 -41.41 -18.89
N GLN B 85 -12.28 -41.64 -19.96
CA GLN B 85 -11.80 -42.42 -21.09
C GLN B 85 -10.78 -41.62 -21.89
N MET B 86 -9.66 -42.25 -22.24
CA MET B 86 -8.57 -41.57 -22.93
C MET B 86 -8.13 -42.37 -24.15
N ASN B 87 -8.37 -41.82 -25.34
CA ASN B 87 -8.03 -42.51 -26.59
C ASN B 87 -7.07 -41.71 -27.45
N SER B 88 -6.36 -42.41 -28.34
CA SER B 88 -5.41 -41.80 -29.27
C SER B 88 -4.38 -40.93 -28.56
N LEU B 89 -3.70 -41.52 -27.57
CA LEU B 89 -2.73 -40.78 -26.76
C LEU B 89 -1.51 -40.37 -27.57
N LYS B 90 -0.87 -39.28 -27.14
CA LYS B 90 0.29 -38.72 -27.84
C LYS B 90 1.37 -38.30 -26.84
N PRO B 91 2.62 -38.20 -27.29
CA PRO B 91 3.79 -37.78 -26.50
C PRO B 91 3.55 -36.62 -25.53
N GLU B 92 2.64 -35.71 -25.84
CA GLU B 92 2.42 -34.55 -24.97
C GLU B 92 1.36 -34.80 -23.91
N ASP B 93 0.68 -35.93 -23.99
CA ASP B 93 -0.30 -36.31 -22.98
C ASP B 93 0.38 -36.93 -21.77
N THR B 94 1.66 -37.26 -21.93
CA THR B 94 2.47 -37.83 -20.86
C THR B 94 2.51 -36.92 -19.64
N ALA B 95 1.77 -37.29 -18.60
CA ALA B 95 1.64 -36.43 -17.43
C ALA B 95 1.04 -37.17 -16.24
N VAL B 96 0.95 -36.48 -15.10
CA VAL B 96 0.33 -37.05 -13.90
C VAL B 96 -1.12 -36.58 -13.79
N TYR B 97 -2.06 -37.52 -13.84
CA TYR B 97 -3.47 -37.15 -13.92
C TYR B 97 -4.16 -37.14 -12.54
N TYR B 98 -4.49 -35.95 -12.08
CA TYR B 98 -5.12 -35.74 -10.78
C TYR B 98 -6.65 -35.69 -10.88
N CYS B 99 -7.30 -36.30 -9.90
CA CYS B 99 -8.76 -36.28 -9.80
C CYS B 99 -9.21 -35.37 -8.67
N ALA B 100 -10.13 -34.46 -8.98
CA ALA B 100 -10.65 -33.53 -7.98
C ALA B 100 -12.14 -33.77 -7.75
N ALA B 101 -12.60 -33.54 -6.52
CA ALA B 101 -13.99 -33.75 -6.17
C ALA B 101 -14.63 -32.51 -5.53
N GLY B 102 -14.07 -31.35 -5.82
CA GLY B 102 -14.63 -30.11 -5.31
C GLY B 102 -16.02 -29.87 -5.86
N ASP B 103 -16.93 -29.45 -4.99
CA ASP B 103 -18.34 -29.37 -5.37
C ASP B 103 -18.93 -27.96 -5.28
N THR B 104 -19.84 -27.68 -6.21
CA THR B 104 -20.62 -26.44 -6.24
C THR B 104 -19.76 -25.24 -6.65
N ALA B 105 -18.44 -25.41 -6.72
CA ALA B 105 -17.56 -24.33 -7.17
C ALA B 105 -16.41 -24.79 -8.06
N ILE B 106 -15.60 -23.81 -8.48
CA ILE B 106 -14.37 -23.98 -9.26
C ILE B 106 -14.34 -25.10 -10.30
N THR B 107 -15.44 -25.31 -11.00
CA THR B 107 -15.54 -26.39 -11.99
C THR B 107 -14.29 -26.55 -12.85
N SER B 108 -13.59 -25.44 -13.10
CA SER B 108 -12.51 -25.41 -14.07
C SER B 108 -11.08 -25.36 -13.48
N TRP B 109 -10.83 -24.56 -12.43
CA TRP B 109 -9.50 -24.63 -11.81
C TRP B 109 -9.40 -24.40 -10.31
N TYR B 110 -8.16 -24.50 -9.84
CA TYR B 110 -7.74 -24.04 -8.51
C TYR B 110 -8.37 -24.82 -7.35
N GLY B 111 -9.15 -25.83 -7.69
CA GLY B 111 -9.62 -26.81 -6.73
C GLY B 111 -10.55 -26.33 -5.64
N TYR B 112 -11.17 -27.29 -4.96
CA TYR B 112 -12.08 -27.01 -3.87
C TYR B 112 -11.86 -28.04 -2.77
N ASP B 113 -12.96 -28.54 -2.23
CA ASP B 113 -12.99 -29.34 -1.02
C ASP B 113 -12.07 -30.56 -1.03
N TYR B 114 -12.05 -31.30 -2.15
CA TYR B 114 -11.29 -32.55 -2.18
C TYR B 114 -10.35 -32.67 -3.37
N TRP B 115 -9.19 -33.27 -3.10
CA TRP B 115 -8.24 -33.65 -4.13
C TRP B 115 -7.79 -35.08 -3.88
N GLY B 116 -7.15 -35.68 -4.88
CA GLY B 116 -6.59 -37.00 -4.73
C GLY B 116 -5.23 -37.05 -5.42
N GLN B 117 -4.23 -37.56 -4.73
CA GLN B 117 -2.88 -37.64 -5.29
C GLN B 117 -2.90 -38.41 -6.60
N GLY B 118 -2.29 -37.82 -7.63
CA GLY B 118 -2.41 -38.32 -8.98
C GLY B 118 -1.48 -39.46 -9.31
N THR B 119 -1.85 -40.21 -10.35
CA THR B 119 -1.02 -41.30 -10.84
C THR B 119 -0.34 -40.90 -12.15
N GLN B 120 0.75 -41.58 -12.46
CA GLN B 120 1.55 -41.26 -13.64
C GLN B 120 1.01 -41.93 -14.90
N VAL B 121 1.01 -41.18 -16.00
CA VAL B 121 0.58 -41.69 -17.29
C VAL B 121 1.64 -41.39 -18.35
N THR B 122 2.25 -42.44 -18.87
CA THR B 122 3.32 -42.33 -19.85
C THR B 122 2.96 -43.04 -21.16
N VAL B 123 3.16 -42.35 -22.27
CA VAL B 123 2.87 -42.89 -23.59
C VAL B 123 4.15 -43.18 -24.35
N SER B 124 4.03 -43.91 -25.45
CA SER B 124 5.19 -44.24 -26.28
C SER B 124 4.77 -44.54 -27.72
#